data_7TR7
#
_entry.id   7TR7
#
_cell.length_a   83.717
_cell.length_b   83.717
_cell.length_c   204.179
_cell.angle_alpha   90.000
_cell.angle_beta   90.000
_cell.angle_gamma   120.000
#
_symmetry.space_group_name_H-M   'P 65'
#
loop_
_entity.id
_entity.type
_entity.pdbx_description
1 polymer 'DNA-(apurinic or apyrimidinic site) lyase'
2 polymer "DNA (5'-D(P*(3DR)P*CP*GP*AP*TP*GP*C)-3')"
3 non-polymer 'MAGNESIUM ION'
4 water water
#
loop_
_entity_poly.entity_id
_entity_poly.type
_entity_poly.pdbx_seq_one_letter_code
_entity_poly.pdbx_strand_id
1 'polypeptide(L)'
;ALYEDPPDQKTSPSGKPATLKICSWNVDGLRAWIKKKGLDWVKEEAPDILCLQETKCSENKLPAELQELPGLSHQYWSAP
SDKEGYSGVGLLSRQAPLKVSYGIGDEEHDQEGRVIVAEFDSFVLVTAYVPNAGRGLVRLEYRQRWDEAFRKFLKGLASR
KPLVLCGDLNVAHEEIDLRNPKGNKKNAGFTPQERQGFGELLQAVPLADSFRHLYPNTPYAYTFWTYMMNARSKNVGWRL
DYFLLSHSLLPALCDSKIRSKALGSDHCPITLYLAL
;
A,B
2 'polydeoxyribonucleotide' (3DR)(DC)(DG)(DA)(DT)(DG)(DC) D,C
#
# COMPACT_ATOMS: atom_id res chain seq x y z
N ALA A 1 -15.97 17.07 -7.02
CA ALA A 1 -15.18 18.20 -7.51
C ALA A 1 -14.26 17.80 -8.66
N LEU A 2 -12.97 18.17 -8.58
CA LEU A 2 -12.05 18.10 -9.70
C LEU A 2 -11.17 16.86 -9.63
N TYR A 3 -11.05 16.14 -10.75
CA TYR A 3 -10.03 15.12 -10.90
C TYR A 3 -9.27 15.37 -12.19
N GLU A 4 -7.96 15.51 -12.06
CA GLU A 4 -7.05 15.64 -13.19
C GLU A 4 -6.04 14.54 -13.01
N ASP A 5 -6.15 13.51 -13.84
CA ASP A 5 -5.25 12.37 -13.75
C ASP A 5 -3.81 12.86 -13.88
N PRO A 6 -2.93 12.55 -12.93
CA PRO A 6 -1.56 13.08 -12.99
C PRO A 6 -0.78 12.48 -14.15
N PRO A 7 0.37 13.08 -14.49
CA PRO A 7 1.14 12.58 -15.63
C PRO A 7 1.53 11.12 -15.48
N ASP A 8 1.78 10.47 -16.60
CA ASP A 8 2.14 9.04 -16.61
C ASP A 8 3.51 8.80 -15.96
N GLN A 9 3.54 8.04 -14.88
CA GLN A 9 4.84 7.68 -14.23
C GLN A 9 5.29 6.36 -14.84
N LYS A 10 6.39 6.38 -15.57
CA LYS A 10 6.83 5.18 -16.32
C LYS A 10 8.05 4.52 -15.68
N THR A 11 8.32 4.74 -14.39
CA THR A 11 9.40 4.06 -13.68
C THR A 11 8.91 3.63 -12.30
N SER A 12 9.37 2.48 -11.84
CA SER A 12 8.92 1.88 -10.60
C SER A 12 9.72 2.40 -9.43
N PRO A 13 9.30 2.07 -8.19
CA PRO A 13 10.10 2.48 -7.02
C PRO A 13 11.51 1.91 -7.06
N SER A 14 11.69 0.77 -7.72
CA SER A 14 13.00 0.30 -8.13
C SER A 14 13.71 1.35 -8.97
N GLY A 15 13.17 1.63 -10.15
CA GLY A 15 13.81 2.55 -11.08
C GLY A 15 13.86 1.99 -12.48
N LYS A 16 13.28 0.80 -12.68
CA LYS A 16 13.25 0.18 -14.00
C LYS A 16 12.23 0.87 -14.91
N PRO A 17 12.47 0.88 -16.22
CA PRO A 17 11.48 1.47 -17.13
C PRO A 17 10.27 0.56 -17.32
N ALA A 18 9.10 1.16 -17.44
CA ALA A 18 7.90 0.41 -17.76
C ALA A 18 8.08 -0.32 -19.08
N THR A 19 7.62 -1.57 -19.13
CA THR A 19 7.72 -2.38 -20.35
C THR A 19 6.39 -2.87 -20.86
N LEU A 20 5.31 -2.69 -20.10
CA LEU A 20 4.01 -3.23 -20.46
C LEU A 20 2.93 -2.21 -20.12
N LYS A 21 2.07 -1.94 -21.08
CA LYS A 21 0.96 -1.02 -20.90
C LYS A 21 -0.34 -1.80 -21.14
N ILE A 22 -1.17 -1.91 -20.10
CA ILE A 22 -2.46 -2.60 -20.21
C ILE A 22 -3.57 -1.55 -20.04
N CYS A 23 -4.54 -1.60 -20.94
CA CYS A 23 -5.68 -0.69 -20.91
C CYS A 23 -6.93 -1.54 -20.77
N SER A 24 -7.82 -1.16 -19.86
CA SER A 24 -9.08 -1.85 -19.63
C SER A 24 -10.21 -0.86 -19.85
N TRP A 25 -11.27 -1.30 -20.55
CA TRP A 25 -12.36 -0.37 -20.84
C TRP A 25 -13.70 -1.11 -20.91
N ASN A 26 -14.67 -0.66 -20.11
CA ASN A 26 -16.05 -1.10 -20.28
C ASN A 26 -16.65 -0.22 -21.37
N VAL A 27 -16.86 -0.78 -22.56
CA VAL A 27 -17.21 0.02 -23.72
C VAL A 27 -18.71 0.21 -23.91
N ASP A 28 -19.54 -0.41 -23.06
CA ASP A 28 -20.99 -0.31 -23.18
C ASP A 28 -21.42 -0.58 -24.63
N GLY A 29 -21.03 -1.74 -25.13
CA GLY A 29 -21.43 -2.12 -26.47
C GLY A 29 -20.40 -1.75 -27.51
N LEU A 30 -19.79 -2.78 -28.11
CA LEU A 30 -18.70 -2.59 -29.08
C LEU A 30 -19.10 -1.66 -30.20
N ARG A 31 -20.25 -1.91 -30.82
CA ARG A 31 -20.60 -1.16 -32.02
C ARG A 31 -20.87 0.30 -31.69
N ALA A 32 -21.65 0.57 -30.64
CA ALA A 32 -21.86 1.95 -30.21
C ALA A 32 -20.53 2.63 -29.89
N TRP A 33 -19.63 1.90 -29.22
CA TRP A 33 -18.34 2.47 -28.83
C TRP A 33 -17.49 2.81 -30.05
N ILE A 34 -17.43 1.90 -31.04
CA ILE A 34 -16.68 2.15 -32.26
C ILE A 34 -17.25 3.35 -33.01
N LYS A 35 -18.57 3.45 -33.10
CA LYS A 35 -19.16 4.60 -33.78
C LYS A 35 -18.85 5.89 -33.03
N LYS A 36 -18.70 5.84 -31.71
CA LYS A 36 -18.23 7.00 -30.97
C LYS A 36 -16.69 7.15 -31.01
N LYS A 37 -16.02 6.40 -31.89
CA LYS A 37 -14.58 6.55 -32.17
C LYS A 37 -13.71 5.95 -31.08
N GLY A 38 -14.21 4.98 -30.29
CA GLY A 38 -13.40 4.40 -29.24
C GLY A 38 -12.10 3.80 -29.75
N LEU A 39 -12.10 3.28 -30.98
CA LEU A 39 -10.90 2.66 -31.52
C LEU A 39 -9.85 3.70 -31.86
N ASP A 40 -10.26 4.89 -32.28
CA ASP A 40 -9.30 5.95 -32.51
C ASP A 40 -8.55 6.28 -31.23
N TRP A 41 -9.27 6.34 -30.11
CA TRP A 41 -8.58 6.59 -28.85
C TRP A 41 -7.62 5.45 -28.50
N VAL A 42 -8.07 4.20 -28.66
CA VAL A 42 -7.18 3.05 -28.38
C VAL A 42 -5.89 3.17 -29.21
N LYS A 43 -6.02 3.51 -30.49
CA LYS A 43 -4.83 3.62 -31.34
C LYS A 43 -3.86 4.65 -30.81
N GLU A 44 -4.37 5.78 -30.33
CA GLU A 44 -3.50 6.81 -29.71
C GLU A 44 -2.90 6.30 -28.38
N GLU A 45 -3.69 5.59 -27.58
CA GLU A 45 -3.18 5.08 -26.32
C GLU A 45 -2.08 4.04 -26.54
N ALA A 46 -2.19 3.25 -27.61
CA ALA A 46 -1.18 2.27 -28.00
C ALA A 46 -0.83 1.29 -26.87
N PRO A 47 -1.82 0.63 -26.29
CA PRO A 47 -1.51 -0.34 -25.22
C PRO A 47 -0.93 -1.62 -25.82
N ASP A 48 -0.13 -2.32 -25.01
CA ASP A 48 0.29 -3.67 -25.38
C ASP A 48 -0.86 -4.67 -25.29
N ILE A 49 -1.76 -4.47 -24.34
CA ILE A 49 -2.89 -5.37 -24.12
C ILE A 49 -4.12 -4.49 -23.87
N LEU A 50 -5.22 -4.81 -24.54
CA LEU A 50 -6.47 -4.10 -24.34
C LEU A 50 -7.53 -5.09 -23.85
N CYS A 51 -8.16 -4.78 -22.71
CA CYS A 51 -9.25 -5.60 -22.18
C CYS A 51 -10.55 -4.82 -22.25
N LEU A 52 -11.59 -5.46 -22.76
CA LEU A 52 -12.87 -4.81 -23.00
C LEU A 52 -13.97 -5.55 -22.25
N GLN A 53 -14.93 -4.81 -21.71
CA GLN A 53 -16.07 -5.41 -21.05
C GLN A 53 -17.37 -4.79 -21.59
N GLU A 54 -18.45 -5.55 -21.44
CA GLU A 54 -19.73 -5.26 -22.08
C GLU A 54 -19.57 -5.05 -23.58
N THR A 55 -18.92 -6.00 -24.24
CA THR A 55 -18.87 -5.93 -25.70
C THR A 55 -20.28 -6.04 -26.30
N LYS A 56 -21.18 -6.74 -25.63
CA LYS A 56 -22.56 -6.91 -26.09
C LYS A 56 -22.62 -7.51 -27.49
N CYS A 57 -21.67 -8.37 -27.83
CA CYS A 57 -21.51 -8.78 -29.21
C CYS A 57 -21.07 -10.23 -29.28
N SER A 58 -21.75 -11.02 -30.11
CA SER A 58 -21.37 -12.41 -30.26
C SER A 58 -19.97 -12.53 -30.87
N GLU A 59 -19.23 -13.53 -30.42
CA GLU A 59 -17.85 -13.73 -30.84
C GLU A 59 -17.69 -13.74 -32.37
N ASN A 60 -18.68 -14.27 -33.08
CA ASN A 60 -18.57 -14.43 -34.53
C ASN A 60 -19.23 -13.31 -35.31
N LYS A 61 -19.87 -12.36 -34.63
CA LYS A 61 -20.46 -11.19 -35.28
C LYS A 61 -19.75 -9.90 -34.86
N LEU A 62 -18.40 -9.92 -34.85
CA LEU A 62 -17.63 -8.76 -34.41
C LEU A 62 -17.49 -7.74 -35.53
N PRO A 63 -17.49 -6.44 -35.19
CA PRO A 63 -17.19 -5.41 -36.18
C PRO A 63 -15.87 -5.68 -36.90
N ALA A 64 -15.81 -5.25 -38.17
CA ALA A 64 -14.62 -5.47 -38.97
C ALA A 64 -13.48 -4.54 -38.58
N GLU A 65 -13.78 -3.38 -38.00
CA GLU A 65 -12.72 -2.48 -37.58
C GLU A 65 -11.74 -3.17 -36.64
N LEU A 66 -12.21 -4.16 -35.87
CA LEU A 66 -11.31 -4.83 -34.92
C LEU A 66 -10.23 -5.63 -35.64
N GLN A 67 -10.51 -6.05 -36.87
CA GLN A 67 -9.47 -6.63 -37.73
C GLN A 67 -8.39 -5.61 -38.06
N GLU A 68 -8.80 -4.36 -38.29
CA GLU A 68 -7.91 -3.27 -38.66
C GLU A 68 -7.12 -2.70 -37.48
N LEU A 69 -6.64 -3.57 -36.58
CA LEU A 69 -5.96 -3.14 -35.35
C LEU A 69 -4.61 -3.81 -35.32
N PRO A 70 -3.59 -3.19 -35.94
CA PRO A 70 -2.37 -3.95 -36.27
C PRO A 70 -1.55 -4.35 -35.06
N GLY A 71 -1.44 -3.50 -34.04
CA GLY A 71 -0.62 -3.82 -32.90
C GLY A 71 -1.30 -4.65 -31.82
N LEU A 72 -2.51 -5.15 -32.09
CA LEU A 72 -3.31 -5.94 -31.14
C LEU A 72 -3.91 -7.13 -31.87
N SER A 73 -3.06 -7.91 -32.57
CA SER A 73 -3.56 -8.91 -33.51
C SER A 73 -4.04 -10.19 -32.85
N HIS A 74 -3.65 -10.46 -31.61
CA HIS A 74 -4.10 -11.66 -30.92
C HIS A 74 -5.30 -11.30 -30.06
N GLN A 75 -6.49 -11.77 -30.47
CA GLN A 75 -7.75 -11.30 -29.94
C GLN A 75 -8.61 -12.47 -29.48
N TYR A 76 -9.07 -12.42 -28.24
CA TYR A 76 -9.89 -13.47 -27.63
C TYR A 76 -11.15 -12.85 -27.06
N TRP A 77 -12.26 -13.55 -27.21
CA TRP A 77 -13.57 -13.01 -26.91
C TRP A 77 -14.41 -14.05 -26.19
N SER A 78 -15.39 -13.57 -25.44
CA SER A 78 -16.33 -14.43 -24.74
C SER A 78 -17.64 -13.68 -24.58
N ALA A 79 -18.75 -14.38 -24.82
CA ALA A 79 -20.07 -13.76 -24.77
C ALA A 79 -21.05 -14.78 -24.19
N PRO A 80 -22.22 -14.32 -23.75
CA PRO A 80 -23.19 -15.26 -23.17
C PRO A 80 -23.57 -16.36 -24.16
N SER A 81 -23.85 -17.55 -23.61
CA SER A 81 -24.31 -18.70 -24.44
C SER A 81 -25.75 -18.45 -24.84
N ASP A 82 -26.58 -18.13 -23.86
CA ASP A 82 -28.01 -17.85 -24.14
C ASP A 82 -28.24 -16.38 -24.50
N LYS A 83 -27.83 -15.45 -23.63
CA LYS A 83 -28.10 -14.01 -23.85
C LYS A 83 -27.37 -13.43 -25.06
N GLU A 84 -27.88 -12.33 -25.63
CA GLU A 84 -27.13 -11.58 -26.68
C GLU A 84 -27.32 -10.09 -26.36
N GLY A 85 -26.50 -9.19 -26.93
CA GLY A 85 -26.61 -7.77 -26.55
C GLY A 85 -26.46 -7.60 -25.05
N TYR A 86 -25.72 -8.47 -24.40
CA TYR A 86 -25.63 -8.51 -22.94
C TYR A 86 -24.24 -8.97 -22.53
N SER A 87 -23.60 -8.22 -21.64
CA SER A 87 -22.29 -8.59 -21.06
C SER A 87 -21.29 -8.83 -22.19
N GLY A 88 -20.37 -9.79 -22.06
CA GLY A 88 -19.36 -10.02 -23.08
C GLY A 88 -18.06 -9.30 -22.78
N VAL A 89 -16.91 -9.98 -22.96
CA VAL A 89 -15.60 -9.38 -22.70
C VAL A 89 -14.64 -9.77 -23.81
N GLY A 90 -13.55 -9.01 -23.90
CA GLY A 90 -12.53 -9.27 -24.89
C GLY A 90 -11.16 -8.98 -24.32
N LEU A 91 -10.16 -9.66 -24.89
CA LEU A 91 -8.75 -9.47 -24.50
C LEU A 91 -7.93 -9.51 -25.78
N LEU A 92 -7.32 -8.38 -26.12
CA LEU A 92 -6.55 -8.20 -27.35
C LEU A 92 -5.11 -7.89 -26.95
N SER A 93 -4.15 -8.59 -27.55
CA SER A 93 -2.76 -8.47 -27.09
C SER A 93 -1.80 -8.38 -28.27
N ARG A 94 -0.80 -7.51 -28.11
CA ARG A 94 0.23 -7.36 -29.14
C ARG A 94 1.03 -8.65 -29.29
N GLN A 95 1.46 -9.23 -28.18
CA GLN A 95 2.10 -10.54 -28.18
C GLN A 95 1.12 -11.62 -27.76
N ALA A 96 1.27 -12.80 -28.34
CA ALA A 96 0.39 -13.93 -28.02
C ALA A 96 0.63 -14.39 -26.59
N PRO A 97 -0.43 -14.58 -25.79
CA PRO A 97 -0.26 -15.30 -24.51
C PRO A 97 0.11 -16.75 -24.76
N LEU A 98 0.64 -17.39 -23.71
CA LEU A 98 0.97 -18.81 -23.75
C LEU A 98 -0.27 -19.68 -23.82
N LYS A 99 -1.36 -19.21 -23.21
CA LYS A 99 -2.55 -20.02 -23.03
C LYS A 99 -3.69 -19.08 -22.71
N VAL A 100 -4.89 -19.41 -23.17
CA VAL A 100 -6.10 -18.65 -22.85
C VAL A 100 -7.09 -19.59 -22.20
N SER A 101 -7.93 -19.05 -21.30
CA SER A 101 -9.06 -19.82 -20.80
C SER A 101 -10.21 -18.87 -20.50
N TYR A 102 -11.39 -19.44 -20.26
CA TYR A 102 -12.62 -18.66 -20.09
C TYR A 102 -13.34 -19.14 -18.84
N GLY A 103 -13.91 -18.20 -18.08
CA GLY A 103 -14.68 -18.56 -16.90
C GLY A 103 -13.80 -18.76 -15.69
N ILE A 104 -14.42 -19.19 -14.60
CA ILE A 104 -13.69 -19.31 -13.35
C ILE A 104 -13.84 -20.72 -12.79
N GLY A 105 -13.98 -21.69 -13.70
CA GLY A 105 -14.02 -23.09 -13.31
C GLY A 105 -15.21 -23.46 -12.43
N ASP A 106 -16.38 -22.92 -12.77
CA ASP A 106 -17.57 -23.14 -11.95
C ASP A 106 -18.75 -22.85 -12.86
N GLU A 107 -19.40 -23.92 -13.33
CA GLU A 107 -20.38 -23.83 -14.41
C GLU A 107 -21.44 -22.78 -14.14
N GLU A 108 -21.87 -22.65 -12.89
CA GLU A 108 -22.98 -21.73 -12.57
C GLU A 108 -22.60 -20.30 -12.95
N HIS A 109 -21.34 -19.95 -12.75
CA HIS A 109 -20.87 -18.60 -12.98
C HIS A 109 -20.25 -18.39 -14.34
N ASP A 110 -20.27 -19.39 -15.23
CA ASP A 110 -19.50 -19.35 -16.47
C ASP A 110 -20.38 -19.24 -17.69
N GLN A 111 -21.63 -18.78 -17.53
CA GLN A 111 -22.59 -18.83 -18.62
C GLN A 111 -22.78 -17.49 -19.32
N GLU A 112 -22.16 -16.41 -18.81
CA GLU A 112 -22.51 -15.06 -19.24
C GLU A 112 -21.36 -14.30 -19.90
N GLY A 113 -20.27 -14.98 -20.28
CA GLY A 113 -19.21 -14.33 -21.01
C GLY A 113 -18.56 -13.20 -20.25
N ARG A 114 -18.10 -13.49 -19.03
CA ARG A 114 -17.63 -12.46 -18.11
C ARG A 114 -16.14 -12.46 -17.84
N VAL A 115 -15.41 -13.55 -18.11
CA VAL A 115 -14.02 -13.68 -17.65
C VAL A 115 -13.18 -14.32 -18.75
N ILE A 116 -12.03 -13.71 -19.03
CA ILE A 116 -10.99 -14.28 -19.88
C ILE A 116 -9.69 -14.26 -19.10
N VAL A 117 -8.94 -15.37 -19.18
CA VAL A 117 -7.64 -15.51 -18.52
C VAL A 117 -6.59 -15.66 -19.60
N ALA A 118 -5.53 -14.87 -19.54
CA ALA A 118 -4.47 -14.95 -20.52
C ALA A 118 -3.16 -15.11 -19.78
N GLU A 119 -2.51 -16.26 -19.96
CA GLU A 119 -1.27 -16.53 -19.26
C GLU A 119 -0.10 -16.05 -20.09
N PHE A 120 0.80 -15.31 -19.44
CA PHE A 120 2.02 -14.83 -20.06
C PHE A 120 3.21 -15.45 -19.36
N ASP A 121 4.41 -15.13 -19.85
CA ASP A 121 5.63 -15.72 -19.30
C ASP A 121 5.72 -15.52 -17.78
N SER A 122 5.70 -14.27 -17.33
CA SER A 122 5.96 -13.99 -15.94
C SER A 122 4.74 -13.57 -15.14
N PHE A 123 3.55 -13.55 -15.74
CA PHE A 123 2.33 -13.22 -14.98
C PHE A 123 1.12 -13.77 -15.72
N VAL A 124 0.01 -13.84 -14.98
CA VAL A 124 -1.29 -14.25 -15.53
C VAL A 124 -2.23 -13.05 -15.46
N LEU A 125 -2.92 -12.77 -16.57
CA LEU A 125 -3.85 -11.65 -16.67
C LEU A 125 -5.29 -12.17 -16.73
N VAL A 126 -6.14 -11.68 -15.84
CA VAL A 126 -7.57 -11.96 -15.88
C VAL A 126 -8.30 -10.65 -16.17
N THR A 127 -9.24 -10.68 -17.10
CA THR A 127 -10.15 -9.55 -17.21
C THR A 127 -11.57 -10.02 -16.92
N ALA A 128 -12.36 -9.16 -16.27
CA ALA A 128 -13.65 -9.56 -15.75
C ALA A 128 -14.68 -8.44 -15.89
N TYR A 129 -15.91 -8.86 -16.17
CA TYR A 129 -17.10 -8.02 -16.04
C TYR A 129 -17.97 -8.65 -14.94
N VAL A 130 -17.87 -8.10 -13.73
CA VAL A 130 -18.46 -8.74 -12.56
C VAL A 130 -19.98 -8.56 -12.58
N PRO A 131 -20.76 -9.55 -12.17
CA PRO A 131 -22.23 -9.46 -12.26
C PRO A 131 -22.79 -8.33 -11.40
N ASN A 132 -23.76 -7.61 -11.98
CA ASN A 132 -24.40 -6.51 -11.28
C ASN A 132 -25.49 -7.01 -10.33
N ALA A 133 -25.56 -6.41 -9.13
CA ALA A 133 -26.53 -6.84 -8.13
C ALA A 133 -27.97 -6.53 -8.52
N GLY A 134 -28.20 -5.65 -9.48
CA GLY A 134 -29.55 -5.33 -9.94
C GLY A 134 -30.14 -4.09 -9.29
N ARG A 135 -30.91 -3.32 -10.05
CA ARG A 135 -31.55 -2.08 -9.52
C ARG A 135 -32.34 -2.65 -8.35
N GLY A 136 -32.09 -2.20 -7.11
CA GLY A 136 -32.74 -2.68 -5.87
C GLY A 136 -32.19 -3.93 -5.15
N LEU A 137 -30.96 -4.40 -5.46
CA LEU A 137 -30.36 -5.54 -4.77
C LEU A 137 -31.01 -6.88 -5.12
N VAL A 138 -31.64 -6.98 -6.29
CA VAL A 138 -32.39 -8.19 -6.65
C VAL A 138 -31.46 -9.40 -6.74
N ARG A 139 -30.40 -9.31 -7.56
CA ARG A 139 -29.45 -10.40 -7.70
C ARG A 139 -28.29 -10.28 -6.73
N LEU A 140 -28.48 -9.61 -5.58
CA LEU A 140 -27.38 -9.48 -4.64
C LEU A 140 -27.05 -10.80 -3.95
N GLU A 141 -28.01 -11.71 -3.89
CA GLU A 141 -27.70 -13.04 -3.38
C GLU A 141 -26.77 -13.77 -4.34
N TYR A 142 -27.11 -13.77 -5.63
CA TYR A 142 -26.20 -14.34 -6.61
C TYR A 142 -24.83 -13.68 -6.55
N ARG A 143 -24.80 -12.34 -6.47
CA ARG A 143 -23.53 -11.61 -6.53
C ARG A 143 -22.62 -11.99 -5.38
N GLN A 144 -23.19 -12.23 -4.19
CA GLN A 144 -22.35 -12.68 -3.08
C GLN A 144 -21.77 -14.05 -3.36
N ARG A 145 -22.49 -14.91 -4.06
CA ARG A 145 -21.96 -16.23 -4.44
C ARG A 145 -20.89 -16.05 -5.51
N TRP A 146 -21.16 -15.22 -6.52
CA TRP A 146 -20.11 -14.89 -7.47
C TRP A 146 -18.83 -14.45 -6.77
N ASP A 147 -18.95 -13.46 -5.87
CA ASP A 147 -17.77 -12.94 -5.19
C ASP A 147 -16.96 -14.06 -4.56
N GLU A 148 -17.64 -14.99 -3.89
CA GLU A 148 -16.94 -16.06 -3.21
C GLU A 148 -16.23 -16.98 -4.20
N ALA A 149 -16.96 -17.40 -5.24
CA ALA A 149 -16.34 -18.26 -6.26
C ALA A 149 -15.18 -17.55 -6.94
N PHE A 150 -15.37 -16.27 -7.27
CA PHE A 150 -14.32 -15.50 -7.94
C PHE A 150 -13.08 -15.42 -7.06
N ARG A 151 -13.26 -15.06 -5.79
CA ARG A 151 -12.15 -14.98 -4.86
C ARG A 151 -11.39 -16.31 -4.81
N LYS A 152 -12.10 -17.42 -4.72
CA LYS A 152 -11.45 -18.75 -4.63
C LYS A 152 -10.67 -19.00 -5.91
N PHE A 153 -11.29 -18.75 -7.05
CA PHE A 153 -10.61 -18.96 -8.32
C PHE A 153 -9.35 -18.11 -8.43
N LEU A 154 -9.41 -16.85 -7.97
CA LEU A 154 -8.25 -15.98 -8.10
C LEU A 154 -7.14 -16.36 -7.13
N LYS A 155 -7.50 -16.81 -5.91
CA LYS A 155 -6.42 -17.26 -5.01
C LYS A 155 -5.69 -18.45 -5.62
N GLY A 156 -6.43 -19.37 -6.25
CA GLY A 156 -5.78 -20.46 -6.96
C GLY A 156 -4.77 -19.97 -8.00
N LEU A 157 -5.21 -19.11 -8.92
CA LEU A 157 -4.31 -18.59 -9.95
C LEU A 157 -3.07 -17.95 -9.35
N ALA A 158 -3.25 -17.09 -8.33
CA ALA A 158 -2.16 -16.33 -7.75
C ALA A 158 -1.16 -17.24 -7.03
N SER A 159 -1.57 -18.43 -6.61
CA SER A 159 -0.62 -19.35 -5.99
C SER A 159 0.35 -19.94 -7.01
N ARG A 160 0.03 -19.90 -8.30
CA ARG A 160 0.92 -20.43 -9.32
C ARG A 160 1.74 -19.36 -10.02
N LYS A 161 1.16 -18.19 -10.26
CA LYS A 161 1.86 -17.16 -11.02
C LYS A 161 1.40 -15.80 -10.54
N PRO A 162 2.25 -14.79 -10.57
CA PRO A 162 1.80 -13.43 -10.23
C PRO A 162 0.60 -13.04 -11.09
N LEU A 163 -0.38 -12.41 -10.46
CA LEU A 163 -1.68 -12.16 -11.07
C LEU A 163 -1.94 -10.65 -11.24
N VAL A 164 -2.44 -10.29 -12.42
CA VAL A 164 -3.06 -8.98 -12.68
C VAL A 164 -4.53 -9.23 -13.01
N LEU A 165 -5.43 -8.70 -12.20
CA LEU A 165 -6.87 -8.70 -12.47
C LEU A 165 -7.29 -7.30 -12.91
N CYS A 166 -7.97 -7.20 -14.05
CA CYS A 166 -8.48 -5.89 -14.44
C CYS A 166 -9.91 -6.02 -14.93
N GLY A 167 -10.59 -4.88 -14.97
CA GLY A 167 -11.88 -4.77 -15.59
C GLY A 167 -12.89 -4.12 -14.67
N ASP A 168 -14.16 -4.33 -15.00
CA ASP A 168 -15.26 -3.70 -14.30
C ASP A 168 -15.68 -4.63 -13.17
N LEU A 169 -15.15 -4.39 -11.98
CA LEU A 169 -15.48 -5.24 -10.84
C LEU A 169 -16.79 -4.81 -10.18
N ASN A 170 -17.42 -3.76 -10.71
CA ASN A 170 -18.78 -3.35 -10.34
C ASN A 170 -18.95 -3.22 -8.82
N VAL A 171 -17.98 -2.59 -8.16
CA VAL A 171 -18.15 -2.14 -6.78
C VAL A 171 -17.23 -0.96 -6.56
N ALA A 172 -17.75 0.06 -5.87
CA ALA A 172 -16.94 1.13 -5.31
C ALA A 172 -16.53 0.71 -3.90
N HIS A 173 -15.22 0.52 -3.69
CA HIS A 173 -14.76 -0.11 -2.45
C HIS A 173 -15.11 0.72 -1.21
N GLU A 174 -14.62 1.96 -1.16
CA GLU A 174 -14.82 2.84 -0.01
C GLU A 174 -15.54 4.12 -0.43
N GLU A 175 -15.93 4.92 0.57
CA GLU A 175 -16.64 6.17 0.30
C GLU A 175 -15.87 7.05 -0.68
N ILE A 176 -14.55 7.06 -0.60
CA ILE A 176 -13.77 7.85 -1.53
C ILE A 176 -13.98 7.40 -2.98
N ASP A 177 -14.51 6.21 -3.22
CA ASP A 177 -14.62 5.70 -4.58
C ASP A 177 -15.92 6.05 -5.28
N LEU A 178 -16.81 6.83 -4.67
CA LEU A 178 -17.96 7.36 -5.39
C LEU A 178 -18.36 8.71 -4.80
N ARG A 179 -19.11 9.47 -5.60
CA ARG A 179 -19.43 10.86 -5.24
C ARG A 179 -20.48 10.93 -4.13
N ASN A 180 -21.49 10.05 -4.14
N ASN A 180 -21.45 10.02 -4.13
CA ASN A 180 -22.57 10.06 -3.16
CA ASN A 180 -22.58 10.02 -3.20
C ASN A 180 -22.58 8.75 -2.37
C ASN A 180 -22.58 8.73 -2.38
N PRO A 181 -21.63 8.56 -1.46
CA PRO A 181 -21.65 7.33 -0.65
C PRO A 181 -22.91 7.21 0.18
N LYS A 182 -23.39 8.31 0.77
CA LYS A 182 -24.54 8.25 1.67
C LYS A 182 -25.77 7.75 0.93
N GLY A 183 -26.10 8.39 -0.20
CA GLY A 183 -27.33 8.05 -0.90
C GLY A 183 -27.32 6.68 -1.57
N ASN A 184 -26.14 6.07 -1.74
CA ASN A 184 -26.05 4.79 -2.43
C ASN A 184 -25.73 3.61 -1.50
N LYS A 185 -25.86 3.76 -0.19
CA LYS A 185 -25.38 2.67 0.66
C LYS A 185 -26.27 1.43 0.58
N LYS A 186 -27.43 1.51 -0.06
CA LYS A 186 -28.22 0.31 -0.33
C LYS A 186 -28.47 0.15 -1.83
N ASN A 187 -27.58 0.69 -2.66
CA ASN A 187 -27.73 0.55 -4.09
C ASN A 187 -26.67 -0.42 -4.63
N ALA A 188 -27.01 -1.08 -5.73
CA ALA A 188 -26.06 -1.95 -6.41
C ALA A 188 -24.73 -1.25 -6.60
N GLY A 189 -23.65 -1.89 -6.16
CA GLY A 189 -22.32 -1.35 -6.33
C GLY A 189 -21.77 -0.73 -5.07
N PHE A 190 -22.60 -0.46 -4.08
CA PHE A 190 -22.07 0.10 -2.84
C PHE A 190 -22.73 -0.47 -1.58
N THR A 191 -23.33 -1.66 -1.67
CA THR A 191 -23.83 -2.31 -0.48
C THR A 191 -22.67 -2.75 0.42
N PRO A 192 -22.89 -2.83 1.73
CA PRO A 192 -21.80 -3.30 2.61
C PRO A 192 -21.34 -4.70 2.24
N GLN A 193 -22.23 -5.52 1.68
CA GLN A 193 -21.84 -6.88 1.29
C GLN A 193 -20.87 -6.86 0.12
N GLU A 194 -21.17 -6.06 -0.91
CA GLU A 194 -20.25 -5.92 -2.04
C GLU A 194 -18.92 -5.33 -1.59
N ARG A 195 -18.96 -4.27 -0.78
CA ARG A 195 -17.73 -3.64 -0.31
C ARG A 195 -16.91 -4.61 0.54
N GLN A 196 -17.57 -5.39 1.40
CA GLN A 196 -16.86 -6.38 2.22
C GLN A 196 -16.26 -7.48 1.33
N GLY A 197 -17.03 -7.97 0.36
CA GLY A 197 -16.47 -8.89 -0.61
C GLY A 197 -15.21 -8.37 -1.25
N PHE A 198 -15.27 -7.13 -1.76
CA PHE A 198 -14.07 -6.56 -2.36
C PHE A 198 -12.92 -6.52 -1.35
N GLY A 199 -13.18 -6.12 -0.11
CA GLY A 199 -12.12 -6.10 0.87
C GLY A 199 -11.56 -7.49 1.16
N GLU A 200 -12.44 -8.49 1.22
CA GLU A 200 -11.98 -9.88 1.35
C GLU A 200 -11.03 -10.23 0.22
N LEU A 201 -11.41 -9.87 -1.01
CA LEU A 201 -10.57 -10.19 -2.16
C LEU A 201 -9.18 -9.58 -2.01
N LEU A 202 -9.10 -8.35 -1.51
CA LEU A 202 -7.79 -7.72 -1.37
C LEU A 202 -6.89 -8.48 -0.40
N GLN A 203 -7.43 -8.92 0.73
CA GLN A 203 -6.56 -9.52 1.74
C GLN A 203 -6.50 -11.04 1.66
N ALA A 204 -7.54 -11.70 1.15
CA ALA A 204 -7.53 -13.16 1.06
C ALA A 204 -6.56 -13.65 -0.01
N VAL A 205 -6.57 -13.03 -1.21
CA VAL A 205 -5.81 -13.58 -2.33
C VAL A 205 -4.31 -13.64 -2.06
N PRO A 206 -3.63 -12.54 -1.66
CA PRO A 206 -4.14 -11.18 -1.54
C PRO A 206 -3.83 -10.36 -2.80
N LEU A 207 -4.52 -9.23 -2.95
CA LEU A 207 -4.27 -8.32 -4.06
C LEU A 207 -4.27 -6.88 -3.56
N ALA A 208 -3.47 -6.06 -4.23
CA ALA A 208 -3.45 -4.62 -3.99
C ALA A 208 -4.25 -3.90 -5.08
N ASP A 209 -5.04 -2.92 -4.66
CA ASP A 209 -5.71 -1.96 -5.55
C ASP A 209 -4.65 -1.00 -6.11
N SER A 210 -4.26 -1.19 -7.36
CA SER A 210 -3.11 -0.44 -7.90
C SER A 210 -3.32 1.07 -7.80
N PHE A 211 -4.50 1.56 -8.20
CA PHE A 211 -4.72 3.01 -8.17
C PHE A 211 -4.67 3.54 -6.73
N ARG A 212 -5.40 2.88 -5.84
CA ARG A 212 -5.50 3.39 -4.48
C ARG A 212 -4.17 3.25 -3.74
N HIS A 213 -3.37 2.25 -4.11
CA HIS A 213 -2.04 2.08 -3.54
C HIS A 213 -1.14 3.25 -3.90
N LEU A 214 -1.26 3.77 -5.13
CA LEU A 214 -0.43 4.89 -5.54
C LEU A 214 -1.01 6.22 -5.11
N TYR A 215 -2.32 6.31 -4.97
CA TYR A 215 -3.00 7.58 -4.74
C TYR A 215 -4.01 7.38 -3.62
N PRO A 216 -3.52 7.12 -2.40
CA PRO A 216 -4.41 6.72 -1.29
C PRO A 216 -5.44 7.75 -0.88
N ASN A 217 -5.20 9.04 -1.09
CA ASN A 217 -6.20 10.02 -0.68
C ASN A 217 -6.51 11.00 -1.80
N THR A 218 -6.45 10.53 -3.04
CA THR A 218 -6.95 11.34 -4.15
C THR A 218 -8.44 11.08 -4.28
N PRO A 219 -9.29 12.06 -3.98
CA PRO A 219 -10.74 11.87 -4.09
C PRO A 219 -11.21 12.17 -5.51
N TYR A 220 -12.50 11.89 -5.77
CA TYR A 220 -13.19 12.31 -6.98
C TYR A 220 -12.64 11.66 -8.24
N ALA A 221 -11.91 10.56 -8.11
CA ALA A 221 -11.37 9.84 -9.25
C ALA A 221 -12.30 8.68 -9.57
N TYR A 222 -13.06 8.81 -10.67
CA TYR A 222 -14.11 7.86 -11.02
C TYR A 222 -13.86 7.30 -12.42
N THR A 223 -14.46 6.14 -12.70
CA THR A 223 -14.31 5.43 -13.99
C THR A 223 -15.69 5.19 -14.62
N PHE A 224 -16.75 5.60 -13.92
CA PHE A 224 -18.12 5.41 -14.42
C PHE A 224 -19.03 6.57 -14.03
N TRP A 225 -19.86 7.02 -14.95
CA TRP A 225 -20.89 8.05 -14.63
C TRP A 225 -22.18 7.62 -15.33
N THR A 226 -23.29 7.58 -14.60
CA THR A 226 -24.58 7.26 -15.24
C THR A 226 -24.86 8.30 -16.33
N TYR A 227 -25.30 7.83 -17.47
CA TYR A 227 -25.75 8.77 -18.52
C TYR A 227 -26.92 9.61 -17.99
N MET A 228 -27.64 9.09 -17.00
CA MET A 228 -28.83 9.79 -16.47
C MET A 228 -28.44 11.18 -15.95
N MET A 229 -29.14 12.24 -16.40
CA MET A 229 -28.89 13.56 -15.80
C MET A 229 -27.46 14.06 -16.05
N ASN A 230 -26.81 13.51 -17.08
CA ASN A 230 -25.47 13.95 -17.50
C ASN A 230 -24.53 13.99 -16.31
N ALA A 231 -24.53 12.90 -15.55
CA ALA A 231 -23.73 12.84 -14.34
C ALA A 231 -22.25 13.10 -14.63
N ARG A 232 -21.77 12.68 -15.80
CA ARG A 232 -20.35 12.83 -16.10
C ARG A 232 -19.96 14.30 -16.15
N SER A 233 -20.80 15.13 -16.78
CA SER A 233 -20.51 16.57 -16.83
C SER A 233 -20.40 17.16 -15.43
N LYS A 234 -21.07 16.57 -14.46
CA LYS A 234 -21.01 17.03 -13.07
C LYS A 234 -19.96 16.30 -12.25
N ASN A 235 -19.24 15.35 -12.84
CA ASN A 235 -18.35 14.43 -12.12
C ASN A 235 -19.04 13.83 -10.90
N VAL A 236 -20.26 13.35 -11.10
CA VAL A 236 -20.94 12.52 -10.13
C VAL A 236 -20.74 11.08 -10.58
N GLY A 237 -19.73 10.41 -10.05
CA GLY A 237 -19.39 9.10 -10.58
C GLY A 237 -18.97 8.06 -9.58
N TRP A 238 -18.55 6.89 -10.09
CA TRP A 238 -18.08 5.77 -9.28
C TRP A 238 -16.79 5.24 -9.85
N ARG A 239 -15.88 4.78 -8.98
CA ARG A 239 -14.71 4.04 -9.45
C ARG A 239 -15.06 2.55 -9.39
N LEU A 240 -15.38 2.00 -10.54
CA LEU A 240 -15.76 0.60 -10.65
C LEU A 240 -14.73 -0.25 -11.38
N ASP A 241 -13.74 0.37 -12.02
CA ASP A 241 -12.78 -0.32 -12.86
C ASP A 241 -11.40 -0.23 -12.22
N TYR A 242 -10.72 -1.37 -12.13
CA TYR A 242 -9.53 -1.51 -11.30
C TYR A 242 -8.49 -2.33 -12.04
N PHE A 243 -7.24 -2.17 -11.60
CA PHE A 243 -6.18 -3.16 -11.78
C PHE A 243 -5.79 -3.63 -10.39
N LEU A 244 -6.07 -4.88 -10.06
CA LEU A 244 -5.62 -5.47 -8.80
C LEU A 244 -4.41 -6.36 -9.08
N LEU A 245 -3.39 -6.25 -8.23
CA LEU A 245 -2.10 -6.91 -8.42
C LEU A 245 -1.73 -7.79 -7.23
N SER A 246 -1.03 -8.90 -7.54
CA SER A 246 -0.31 -9.66 -6.51
C SER A 246 0.77 -8.77 -5.89
N HIS A 247 0.96 -8.92 -4.56
CA HIS A 247 1.95 -8.08 -3.89
C HIS A 247 3.32 -8.20 -4.53
N SER A 248 3.68 -9.37 -5.05
CA SER A 248 4.99 -9.53 -5.67
C SER A 248 5.17 -8.64 -6.88
N LEU A 249 4.08 -8.12 -7.46
CA LEU A 249 4.20 -7.22 -8.60
C LEU A 249 4.35 -5.75 -8.18
N LEU A 250 4.06 -5.42 -6.93
CA LEU A 250 4.14 -4.03 -6.49
C LEU A 250 5.49 -3.39 -6.81
N PRO A 251 6.64 -4.05 -6.59
CA PRO A 251 7.90 -3.45 -7.06
C PRO A 251 7.92 -3.21 -8.55
N ALA A 252 7.01 -3.81 -9.32
CA ALA A 252 6.91 -3.59 -10.75
C ALA A 252 5.98 -2.42 -11.13
N LEU A 253 5.14 -1.96 -10.20
CA LEU A 253 4.09 -1.00 -10.51
C LEU A 253 4.69 0.37 -10.83
N CYS A 254 4.49 0.84 -12.05
CA CYS A 254 4.87 2.22 -12.38
C CYS A 254 3.73 3.21 -12.19
N ASP A 255 2.54 2.90 -12.70
CA ASP A 255 1.43 3.83 -12.56
C ASP A 255 0.15 3.10 -12.91
N SER A 256 -0.95 3.63 -12.38
CA SER A 256 -2.30 3.16 -12.67
C SER A 256 -3.10 4.42 -12.99
N LYS A 257 -3.57 4.52 -14.23
CA LYS A 257 -4.16 5.75 -14.75
C LYS A 257 -5.67 5.64 -14.89
N ILE A 258 -6.35 6.78 -14.76
CA ILE A 258 -7.78 6.89 -15.01
C ILE A 258 -7.96 7.91 -16.13
N ARG A 259 -8.31 7.43 -17.32
CA ARG A 259 -8.36 8.29 -18.52
C ARG A 259 -9.69 9.03 -18.59
N SER A 260 -9.85 9.95 -17.62
CA SER A 260 -11.09 10.69 -17.37
C SER A 260 -11.71 11.29 -18.61
N LYS A 261 -10.90 11.70 -19.59
CA LYS A 261 -11.42 12.50 -20.70
C LYS A 261 -11.75 11.66 -21.92
N ALA A 262 -11.41 10.37 -21.92
CA ALA A 262 -11.67 9.55 -23.09
C ALA A 262 -13.16 9.24 -23.15
N LEU A 263 -13.78 9.59 -24.27
CA LEU A 263 -15.22 9.46 -24.45
C LEU A 263 -15.54 8.16 -25.14
N GLY A 264 -16.83 7.85 -25.27
CA GLY A 264 -17.27 6.69 -26.04
C GLY A 264 -18.08 5.66 -25.27
N SER A 265 -18.22 5.80 -23.95
CA SER A 265 -18.92 4.85 -23.10
C SER A 265 -19.37 5.60 -21.85
N ASP A 266 -20.18 4.94 -21.02
CA ASP A 266 -20.42 5.52 -19.70
C ASP A 266 -19.33 5.13 -18.69
N HIS A 267 -18.35 4.30 -19.06
CA HIS A 267 -17.09 4.18 -18.32
C HIS A 267 -15.95 4.84 -19.11
N CYS A 268 -14.92 5.30 -18.40
CA CYS A 268 -13.73 5.69 -19.12
C CYS A 268 -12.67 4.60 -19.02
N PRO A 269 -11.65 4.63 -19.88
CA PRO A 269 -10.59 3.63 -19.80
C PRO A 269 -9.70 3.84 -18.58
N ILE A 270 -9.04 2.76 -18.16
CA ILE A 270 -7.99 2.80 -17.15
C ILE A 270 -6.77 2.14 -17.75
N THR A 271 -5.58 2.54 -17.31
CA THR A 271 -4.38 2.04 -17.97
C THR A 271 -3.32 1.76 -16.93
N LEU A 272 -2.63 0.63 -17.09
CA LEU A 272 -1.62 0.16 -16.15
C LEU A 272 -0.25 0.10 -16.82
N TYR A 273 0.76 0.59 -16.11
CA TYR A 273 2.16 0.53 -16.52
C TYR A 273 2.92 -0.36 -15.55
N LEU A 274 3.56 -1.39 -16.07
CA LEU A 274 4.36 -2.31 -15.27
C LEU A 274 5.76 -2.39 -15.86
N ALA A 275 6.76 -2.51 -14.99
CA ALA A 275 8.13 -2.76 -15.41
C ALA A 275 8.42 -4.24 -15.19
N LEU A 276 8.45 -5.00 -16.28
CA LEU A 276 8.68 -6.43 -16.20
C LEU A 276 9.95 -6.84 -16.96
N ALA B 1 12.44 20.47 -0.89
CA ALA B 1 12.83 21.37 0.18
C ALA B 1 11.78 21.42 1.30
N LEU B 2 10.50 21.61 0.98
CA LEU B 2 9.49 21.83 2.02
C LEU B 2 8.82 20.52 2.42
N TYR B 3 8.73 20.29 3.73
CA TYR B 3 7.83 19.28 4.26
C TYR B 3 7.04 19.88 5.41
N GLU B 4 5.74 19.79 5.32
CA GLU B 4 4.86 20.17 6.42
C GLU B 4 3.94 18.98 6.63
N ASP B 5 4.12 18.30 7.75
CA ASP B 5 3.36 17.12 8.07
C ASP B 5 1.86 17.45 8.01
N PRO B 6 1.05 16.69 7.27
CA PRO B 6 -0.40 17.01 7.18
C PRO B 6 -1.09 16.87 8.52
N PRO B 7 -2.32 17.37 8.66
CA PRO B 7 -3.04 17.23 9.93
C PRO B 7 -3.20 15.76 10.33
N ASP B 8 -3.39 15.54 11.62
CA ASP B 8 -3.56 14.17 12.15
C ASP B 8 -4.89 13.55 11.69
N GLN B 9 -4.83 12.44 10.99
CA GLN B 9 -6.06 11.71 10.57
C GLN B 9 -6.37 10.69 11.66
N LYS B 10 -7.49 10.86 12.35
CA LYS B 10 -7.81 10.01 13.49
C LYS B 10 -8.94 9.02 13.22
N THR B 11 -9.17 8.65 11.95
CA THR B 11 -10.16 7.64 11.62
C THR B 11 -9.65 6.74 10.52
N SER B 12 -9.97 5.44 10.60
CA SER B 12 -9.47 4.45 9.66
C SER B 12 -10.26 4.44 8.37
N PRO B 13 -9.73 3.82 7.26
CA PRO B 13 -10.39 3.83 5.92
C PRO B 13 -11.76 3.16 5.92
N SER B 14 -12.13 2.58 7.05
CA SER B 14 -13.46 2.00 7.24
C SER B 14 -14.32 3.07 7.92
N GLY B 15 -13.78 3.75 8.93
CA GLY B 15 -14.51 4.80 9.66
C GLY B 15 -14.34 4.65 11.16
N LYS B 16 -13.60 3.62 11.60
CA LYS B 16 -13.37 3.47 13.03
C LYS B 16 -12.45 4.57 13.54
N PRO B 17 -12.66 5.05 14.76
CA PRO B 17 -11.79 6.09 15.32
C PRO B 17 -10.52 5.54 15.97
N ALA B 18 -9.47 6.35 15.91
CA ALA B 18 -8.20 6.00 16.54
C ALA B 18 -8.39 5.75 18.03
N THR B 19 -7.76 4.67 18.52
CA THR B 19 -7.79 4.35 19.95
C THR B 19 -6.41 4.28 20.59
N LEU B 20 -5.35 4.29 19.79
CA LEU B 20 -4.00 4.05 20.28
C LEU B 20 -3.04 5.00 19.59
N LYS B 21 -2.25 5.73 20.36
CA LYS B 21 -1.26 6.65 19.84
C LYS B 21 0.11 6.19 20.32
N ILE B 22 0.99 5.83 19.37
CA ILE B 22 2.34 5.39 19.70
C ILE B 22 3.33 6.43 19.16
N CYS B 23 4.24 6.87 20.00
CA CYS B 23 5.27 7.81 19.58
C CYS B 23 6.62 7.14 19.69
N SER B 24 7.48 7.30 18.68
CA SER B 24 8.82 6.74 18.70
C SER B 24 9.83 7.86 18.47
N TRP B 25 10.92 7.85 19.24
CA TRP B 25 11.89 8.95 19.14
C TRP B 25 13.30 8.46 19.48
N ASN B 26 14.23 8.66 18.55
CA ASN B 26 15.65 8.51 18.85
C ASN B 26 16.11 9.81 19.51
N VAL B 27 16.43 9.73 20.80
CA VAL B 27 16.60 10.94 21.59
C VAL B 27 18.04 11.38 21.70
N ASP B 28 18.97 10.65 21.07
CA ASP B 28 20.40 10.96 21.11
C ASP B 28 20.84 11.32 22.52
N GLY B 29 20.58 10.40 23.44
CA GLY B 29 20.98 10.63 24.82
C GLY B 29 19.87 11.17 25.69
N LEU B 30 19.42 10.32 26.62
CA LEU B 30 18.30 10.67 27.49
C LEU B 30 18.53 11.97 28.24
N ARG B 31 19.73 12.18 28.77
CA ARG B 31 19.93 13.36 29.60
C ARG B 31 19.99 14.63 28.77
N ALA B 32 20.73 14.61 27.65
CA ALA B 32 20.75 15.76 26.76
C ALA B 32 19.35 16.10 26.28
N TRP B 33 18.56 15.07 25.93
CA TRP B 33 17.21 15.28 25.42
C TRP B 33 16.30 15.91 26.46
N ILE B 34 16.37 15.42 27.71
CA ILE B 34 15.58 16.03 28.78
C ILE B 34 16.00 17.47 29.00
N LYS B 35 17.32 17.73 28.97
CA LYS B 35 17.81 19.11 29.10
C LYS B 35 17.20 20.01 28.03
N LYS B 36 17.09 19.50 26.79
CA LYS B 36 16.46 20.26 25.72
C LYS B 36 14.93 20.16 25.74
N LYS B 37 14.34 19.76 26.87
CA LYS B 37 12.90 19.80 27.10
C LYS B 37 12.14 18.73 26.33
N GLY B 38 12.78 17.61 26.01
CA GLY B 38 12.10 16.57 25.25
C GLY B 38 10.86 16.03 25.95
N LEU B 39 10.91 15.93 27.29
CA LEU B 39 9.77 15.44 28.03
C LEU B 39 8.59 16.41 28.01
N ASP B 40 8.87 17.71 27.93
CA ASP B 40 7.78 18.67 27.78
C ASP B 40 7.02 18.42 26.49
N TRP B 41 7.74 18.15 25.39
CA TRP B 41 7.05 17.84 24.15
C TRP B 41 6.25 16.54 24.28
N VAL B 42 6.85 15.51 24.87
CA VAL B 42 6.14 14.25 25.06
C VAL B 42 4.83 14.47 25.83
N LYS B 43 4.87 15.31 26.87
CA LYS B 43 3.67 15.57 27.65
C LYS B 43 2.58 16.19 26.79
N GLU B 44 2.96 17.09 25.86
CA GLU B 44 1.96 17.69 24.99
C GLU B 44 1.46 16.69 23.96
N GLU B 45 2.35 15.84 23.43
CA GLU B 45 1.92 14.84 22.46
C GLU B 45 0.98 13.80 23.08
N ALA B 46 1.18 13.48 24.37
CA ALA B 46 0.32 12.58 25.13
C ALA B 46 0.09 11.22 24.45
N PRO B 47 1.16 10.51 24.08
CA PRO B 47 0.97 9.19 23.47
C PRO B 47 0.55 8.17 24.52
N ASP B 48 -0.13 7.12 24.06
CA ASP B 48 -0.38 5.96 24.91
C ASP B 48 0.89 5.16 25.17
N ILE B 49 1.80 5.13 24.20
CA ILE B 49 3.04 4.37 24.30
C ILE B 49 4.15 5.22 23.71
N LEU B 50 5.28 5.31 24.42
CA LEU B 50 6.45 6.05 23.95
C LEU B 50 7.62 5.08 23.85
N CYS B 51 8.22 4.98 22.66
CA CYS B 51 9.41 4.18 22.44
C CYS B 51 10.60 5.09 22.17
N LEU B 52 11.71 4.84 22.87
CA LEU B 52 12.88 5.71 22.81
C LEU B 52 14.09 4.91 22.36
N GLN B 53 14.96 5.52 21.56
CA GLN B 53 16.19 4.87 21.17
C GLN B 53 17.39 5.78 21.42
N GLU B 54 18.56 5.15 21.51
CA GLU B 54 19.78 5.82 21.96
C GLU B 54 19.57 6.56 23.27
N THR B 55 19.00 5.85 24.25
CA THR B 55 18.91 6.43 25.58
C THR B 55 20.29 6.74 26.15
N LYS B 56 21.31 5.97 25.75
CA LYS B 56 22.70 6.15 26.23
C LYS B 56 22.76 6.15 27.76
N CYS B 57 21.90 5.37 28.39
CA CYS B 57 21.79 5.45 29.87
C CYS B 57 21.53 4.08 30.49
N SER B 58 22.19 3.82 31.61
CA SER B 58 21.93 2.57 32.35
C SER B 58 20.51 2.55 32.92
N GLU B 59 19.87 1.39 32.86
CA GLU B 59 18.50 1.24 33.40
C GLU B 59 18.46 1.65 34.87
N ASN B 60 19.58 1.53 35.56
CA ASN B 60 19.52 1.83 37.02
C ASN B 60 19.97 3.26 37.31
N LYS B 61 20.44 3.98 36.29
CA LYS B 61 20.90 5.38 36.44
C LYS B 61 20.02 6.30 35.60
N LEU B 62 18.71 6.11 35.62
CA LEU B 62 17.83 6.92 34.80
C LEU B 62 17.54 8.27 35.46
N PRO B 63 17.30 9.30 34.67
CA PRO B 63 16.88 10.59 35.22
C PRO B 63 15.60 10.44 36.04
N ALA B 64 15.50 11.28 37.07
CA ALA B 64 14.32 11.24 37.94
C ALA B 64 13.09 11.81 37.25
N GLU B 65 13.27 12.70 36.28
CA GLU B 65 12.14 13.26 35.56
C GLU B 65 11.25 12.16 35.00
N LEU B 66 11.82 10.99 34.65
CA LEU B 66 11.02 9.92 34.08
C LEU B 66 10.02 9.36 35.10
N GLN B 67 10.28 9.57 36.39
CA GLN B 67 9.26 9.28 37.42
C GLN B 67 8.07 10.21 37.29
N GLU B 68 8.33 11.48 37.00
CA GLU B 68 7.27 12.51 36.88
C GLU B 68 6.52 12.41 35.55
N LEU B 69 6.33 11.19 35.04
CA LEU B 69 5.63 10.99 33.78
C LEU B 69 4.32 10.28 34.08
N PRO B 70 3.20 11.00 34.09
CA PRO B 70 1.99 10.49 34.73
C PRO B 70 1.33 9.35 33.96
N GLY B 71 1.09 9.57 32.66
CA GLY B 71 0.32 8.60 31.91
C GLY B 71 1.18 7.57 31.19
N LEU B 72 2.42 7.39 31.64
CA LEU B 72 3.37 6.42 31.04
C LEU B 72 4.10 5.70 32.16
N SER B 73 3.34 5.13 33.10
CA SER B 73 3.91 4.61 34.34
C SER B 73 4.57 3.25 34.19
N HIS B 74 4.29 2.51 33.12
CA HIS B 74 4.90 1.19 32.92
C HIS B 74 6.07 1.36 31.96
N GLN B 75 7.29 1.23 32.49
CA GLN B 75 8.50 1.62 31.78
C GLN B 75 9.51 0.48 31.77
N TYR B 76 10.02 0.18 30.58
CA TYR B 76 10.95 -0.93 30.39
C TYR B 76 12.15 -0.42 29.60
N TRP B 77 13.33 -0.85 30.01
CA TRP B 77 14.57 -0.31 29.47
C TRP B 77 15.52 -1.44 29.18
N SER B 78 16.46 -1.16 28.28
CA SER B 78 17.51 -2.09 27.91
C SER B 78 18.72 -1.29 27.47
N ALA B 79 19.90 -1.71 27.90
CA ALA B 79 21.13 -1.00 27.61
C ALA B 79 22.24 -2.03 27.45
N PRO B 80 23.37 -1.66 26.78
CA PRO B 80 24.50 -2.56 26.67
C PRO B 80 25.06 -3.15 27.98
N SER B 81 25.54 -4.38 27.91
CA SER B 81 26.24 -5.02 29.06
C SER B 81 27.63 -4.39 29.15
N ASP B 82 28.31 -4.24 28.03
CA ASP B 82 29.65 -3.61 28.04
C ASP B 82 29.59 -2.12 28.35
N LYS B 83 28.95 -1.31 27.50
CA LYS B 83 28.98 0.17 27.63
C LYS B 83 28.07 0.84 28.68
N GLU B 84 27.96 2.16 28.59
CA GLU B 84 27.02 2.95 29.45
C GLU B 84 26.71 4.28 28.75
N GLY B 85 27.37 4.58 27.63
CA GLY B 85 27.06 5.80 26.87
C GLY B 85 26.72 5.54 25.42
N TYR B 86 26.25 4.34 25.10
CA TYR B 86 26.03 3.91 23.71
C TYR B 86 24.69 3.19 23.59
N SER B 87 24.03 3.28 22.44
CA SER B 87 22.75 2.57 22.19
C SER B 87 21.75 2.75 23.33
N GLY B 88 21.01 1.70 23.61
CA GLY B 88 20.00 1.74 24.66
C GLY B 88 18.62 2.15 24.13
N VAL B 89 17.57 1.47 24.59
CA VAL B 89 16.20 1.75 24.16
C VAL B 89 15.27 1.68 25.36
N GLY B 90 14.07 2.22 25.18
CA GLY B 90 13.09 2.27 26.24
C GLY B 90 11.70 2.14 25.65
N LEU B 91 10.77 1.63 26.46
CA LEU B 91 9.38 1.49 26.05
C LEU B 91 8.53 1.82 27.26
N LEU B 92 7.76 2.90 27.17
CA LEU B 92 6.94 3.41 28.26
C LEU B 92 5.50 3.34 27.82
N SER B 93 4.62 2.82 28.68
CA SER B 93 3.25 2.60 28.23
C SER B 93 2.26 2.97 29.33
N ARG B 94 1.13 3.57 28.89
CA ARG B 94 0.05 3.95 29.81
C ARG B 94 -0.57 2.70 30.44
N GLN B 95 -0.89 1.71 29.63
CA GLN B 95 -1.38 0.43 30.13
C GLN B 95 -0.25 -0.59 30.14
N ALA B 96 -0.26 -1.47 31.13
CA ALA B 96 0.76 -2.51 31.22
C ALA B 96 0.62 -3.47 30.05
N PRO B 97 1.71 -3.83 29.37
CA PRO B 97 1.65 -4.97 28.46
C PRO B 97 1.48 -6.28 29.22
N LEU B 98 1.07 -7.32 28.48
CA LEU B 98 0.94 -8.65 29.05
C LEU B 98 2.30 -9.26 29.39
N LYS B 99 3.30 -8.97 28.56
CA LYS B 99 4.60 -9.61 28.67
C LYS B 99 5.62 -8.69 28.01
N VAL B 100 6.84 -8.63 28.56
CA VAL B 100 7.93 -7.94 27.90
C VAL B 100 9.07 -8.92 27.64
N SER B 101 9.84 -8.66 26.60
CA SER B 101 11.09 -9.38 26.40
C SER B 101 12.11 -8.45 25.76
N TYR B 102 13.35 -8.93 25.68
CA TYR B 102 14.49 -8.14 25.24
C TYR B 102 15.29 -8.95 24.22
N GLY B 103 15.76 -8.29 23.17
CA GLY B 103 16.59 -8.95 22.19
C GLY B 103 15.77 -9.72 21.17
N ILE B 104 16.48 -10.43 20.30
CA ILE B 104 15.78 -11.09 19.20
C ILE B 104 16.09 -12.58 19.20
N GLY B 105 16.43 -13.11 20.38
CA GLY B 105 16.66 -14.54 20.53
C GLY B 105 17.90 -15.04 19.82
N ASP B 106 18.95 -14.21 19.80
CA ASP B 106 20.19 -14.55 19.11
C ASP B 106 21.31 -13.85 19.84
N GLU B 107 22.12 -14.62 20.57
CA GLU B 107 23.00 -14.05 21.59
C GLU B 107 23.95 -13.00 21.00
N GLU B 108 24.48 -13.24 19.80
CA GLU B 108 25.47 -12.29 19.31
C GLU B 108 24.83 -10.94 19.00
N HIS B 109 23.52 -10.93 18.71
CA HIS B 109 22.80 -9.71 18.41
C HIS B 109 22.14 -9.08 19.63
N ASP B 110 22.26 -9.70 20.80
CA ASP B 110 21.47 -9.30 21.97
C ASP B 110 22.30 -8.64 23.04
N GLN B 111 23.47 -8.08 22.69
CA GLN B 111 24.40 -7.59 23.68
C GLN B 111 24.42 -6.06 23.84
N GLU B 112 23.67 -5.32 23.00
CA GLU B 112 23.85 -3.86 22.93
C GLU B 112 22.59 -3.08 23.27
N GLY B 113 21.61 -3.71 23.90
CA GLY B 113 20.41 -3.01 24.34
C GLY B 113 19.66 -2.33 23.22
N ARG B 114 19.24 -3.10 22.21
CA ARG B 114 18.68 -2.54 21.00
C ARG B 114 17.20 -2.85 20.78
N VAL B 115 16.64 -3.85 21.45
CA VAL B 115 15.29 -4.30 21.13
C VAL B 115 14.51 -4.57 22.42
N ILE B 116 13.28 -4.06 22.47
CA ILE B 116 12.31 -4.40 23.50
C ILE B 116 11.04 -4.86 22.78
N VAL B 117 10.45 -5.94 23.28
CA VAL B 117 9.21 -6.51 22.75
C VAL B 117 8.15 -6.36 23.84
N ALA B 118 7.00 -5.80 23.49
CA ALA B 118 5.93 -5.60 24.46
C ALA B 118 4.65 -6.17 23.86
N GLU B 119 4.17 -7.25 24.44
CA GLU B 119 2.99 -7.93 23.93
C GLU B 119 1.74 -7.33 24.56
N PHE B 120 0.79 -6.97 23.72
CA PHE B 120 -0.51 -6.48 24.17
C PHE B 120 -1.60 -7.48 23.78
N ASP B 121 -2.84 -7.16 24.16
CA ASP B 121 -3.96 -8.06 23.89
C ASP B 121 -4.05 -8.42 22.40
N SER B 122 -4.17 -7.41 21.55
CA SER B 122 -4.47 -7.65 20.16
C SER B 122 -3.28 -7.49 19.22
N PHE B 123 -2.10 -7.11 19.72
CA PHE B 123 -0.93 -6.97 18.87
C PHE B 123 0.33 -7.02 19.73
N VAL B 124 1.47 -7.18 19.06
CA VAL B 124 2.78 -7.17 19.70
C VAL B 124 3.58 -6.00 19.14
N LEU B 125 4.19 -5.22 20.03
CA LEU B 125 4.98 -4.04 19.69
C LEU B 125 6.46 -4.35 19.89
N VAL B 126 7.26 -4.13 18.85
CA VAL B 126 8.72 -4.20 18.95
C VAL B 126 9.27 -2.79 18.74
N THR B 127 10.20 -2.35 19.58
CA THR B 127 10.94 -1.16 19.24
C THR B 127 12.42 -1.51 19.12
N ALA B 128 13.12 -0.87 18.18
CA ALA B 128 14.46 -1.27 17.81
C ALA B 128 15.34 -0.05 17.52
N TYR B 129 16.61 -0.17 17.90
CA TYR B 129 17.68 0.71 17.44
C TYR B 129 18.62 -0.17 16.62
N VAL B 130 18.48 -0.12 15.30
CA VAL B 130 19.18 -1.07 14.45
C VAL B 130 20.66 -0.69 14.38
N PRO B 131 21.59 -1.65 14.33
CA PRO B 131 23.02 -1.31 14.40
C PRO B 131 23.50 -0.58 13.15
N ASN B 132 24.37 0.40 13.37
CA ASN B 132 24.86 1.24 12.29
C ASN B 132 26.01 0.57 11.54
N ALA B 133 26.01 0.69 10.20
CA ALA B 133 27.05 0.08 9.40
C ALA B 133 28.44 0.69 9.61
N GLY B 134 28.51 1.85 10.24
CA GLY B 134 29.81 2.50 10.49
C GLY B 134 30.26 3.45 9.39
N ARG B 135 30.90 4.53 9.78
CA ARG B 135 31.48 5.49 8.79
C ARG B 135 32.43 4.72 7.87
N GLY B 136 32.06 4.54 6.59
CA GLY B 136 32.86 3.79 5.60
C GLY B 136 32.47 2.33 5.42
N LEU B 137 31.32 1.89 5.93
CA LEU B 137 30.84 0.49 5.82
C LEU B 137 31.70 -0.52 6.61
N VAL B 138 32.33 -0.09 7.71
CA VAL B 138 33.22 -0.96 8.47
C VAL B 138 32.48 -2.10 9.20
N ARG B 139 31.17 -1.96 9.42
CA ARG B 139 30.38 -3.01 10.07
C ARG B 139 29.21 -3.43 9.21
N LEU B 140 29.29 -3.22 7.89
CA LEU B 140 28.22 -3.62 7.00
C LEU B 140 28.10 -5.13 6.92
N GLU B 141 29.19 -5.85 7.20
CA GLU B 141 29.12 -7.30 7.32
C GLU B 141 28.21 -7.69 8.49
N TYR B 142 28.53 -7.19 9.68
CA TYR B 142 27.66 -7.45 10.82
C TYR B 142 26.23 -7.01 10.53
N ARG B 143 26.06 -5.82 9.94
CA ARG B 143 24.71 -5.28 9.75
C ARG B 143 23.87 -6.18 8.88
N GLN B 144 24.46 -6.74 7.81
CA GLN B 144 23.69 -7.66 6.97
C GLN B 144 23.29 -8.91 7.75
N ARG B 145 24.14 -9.36 8.67
CA ARG B 145 23.77 -10.47 9.55
C ARG B 145 22.66 -10.07 10.51
N TRP B 146 22.80 -8.90 11.13
CA TRP B 146 21.69 -8.37 11.93
C TRP B 146 20.39 -8.39 11.14
N ASP B 147 20.39 -7.80 9.93
CA ASP B 147 19.17 -7.74 9.13
C ASP B 147 18.56 -9.11 8.98
N GLU B 148 19.40 -10.11 8.73
CA GLU B 148 18.88 -11.45 8.48
C GLU B 148 18.25 -12.03 9.74
N ALA B 149 18.96 -11.93 10.87
CA ALA B 149 18.42 -12.44 12.12
C ALA B 149 17.17 -11.67 12.53
N PHE B 150 17.21 -10.34 12.39
CA PHE B 150 16.06 -9.52 12.77
C PHE B 150 14.83 -9.89 11.96
N ARG B 151 15.01 -10.02 10.64
CA ARG B 151 13.93 -10.45 9.77
C ARG B 151 13.32 -11.77 10.23
N LYS B 152 14.17 -12.75 10.53
CA LYS B 152 13.69 -14.09 10.98
C LYS B 152 12.89 -13.93 12.27
N PHE B 153 13.46 -13.23 13.25
CA PHE B 153 12.78 -13.01 14.51
C PHE B 153 11.42 -12.36 14.31
N LEU B 154 11.35 -11.34 13.44
CA LEU B 154 10.09 -10.65 13.22
C LEU B 154 9.09 -11.52 12.47
N LYS B 155 9.56 -12.32 11.51
CA LYS B 155 8.65 -13.25 10.84
C LYS B 155 8.00 -14.18 11.85
N GLY B 156 8.80 -14.74 12.77
CA GLY B 156 8.23 -15.57 13.82
C GLY B 156 7.16 -14.87 14.63
N LEU B 157 7.48 -13.68 15.15
CA LEU B 157 6.51 -12.96 15.98
C LEU B 157 5.21 -12.72 15.24
N ALA B 158 5.29 -12.32 13.97
CA ALA B 158 4.11 -11.95 13.20
C ALA B 158 3.22 -13.15 12.87
N SER B 159 3.73 -14.38 13.00
CA SER B 159 2.87 -15.53 12.76
C SER B 159 1.96 -15.82 13.94
N ARG B 160 2.25 -15.29 15.13
CA ARG B 160 1.39 -15.49 16.28
C ARG B 160 0.46 -14.32 16.55
N LYS B 161 0.89 -13.08 16.29
CA LYS B 161 0.09 -11.92 16.62
C LYS B 161 0.42 -10.80 15.65
N PRO B 162 -0.55 -9.96 15.31
CA PRO B 162 -0.24 -8.80 14.46
C PRO B 162 0.87 -7.98 15.10
N LEU B 163 1.80 -7.51 14.26
CA LEU B 163 3.03 -6.90 14.71
C LEU B 163 3.10 -5.42 14.32
N VAL B 164 3.55 -4.59 15.26
CA VAL B 164 3.97 -3.21 15.01
C VAL B 164 5.45 -3.12 15.38
N LEU B 165 6.30 -2.83 14.40
CA LEU B 165 7.71 -2.54 14.62
C LEU B 165 7.94 -1.04 14.49
N CYS B 166 8.58 -0.43 15.48
CA CYS B 166 8.88 0.99 15.38
C CYS B 166 10.29 1.26 15.85
N GLY B 167 10.81 2.42 15.44
CA GLY B 167 12.08 2.88 15.95
C GLY B 167 13.01 3.29 14.83
N ASP B 168 14.29 3.37 15.18
CA ASP B 168 15.33 3.82 14.26
C ASP B 168 15.88 2.58 13.57
N LEU B 169 15.38 2.31 12.37
CA LEU B 169 15.85 1.17 11.62
C LEU B 169 17.11 1.48 10.82
N ASN B 170 17.59 2.72 10.92
CA ASN B 170 18.89 3.11 10.39
C ASN B 170 19.07 2.72 8.91
N VAL B 171 18.03 2.94 8.11
CA VAL B 171 18.17 2.84 6.66
C VAL B 171 17.13 3.74 6.02
N ALA B 172 17.54 4.45 4.98
CA ALA B 172 16.62 5.14 4.09
C ALA B 172 16.30 4.18 2.95
N HIS B 173 15.03 3.78 2.85
CA HIS B 173 14.68 2.68 1.97
C HIS B 173 14.91 3.03 0.49
N GLU B 174 14.25 4.08 0.01
CA GLU B 174 14.35 4.50 -1.39
C GLU B 174 14.92 5.92 -1.48
N GLU B 175 15.22 6.35 -2.72
CA GLU B 175 15.83 7.68 -2.90
C GLU B 175 14.93 8.78 -2.34
N ILE B 176 13.61 8.60 -2.41
CA ILE B 176 12.72 9.58 -1.83
C ILE B 176 12.91 9.72 -0.31
N ASP B 177 13.62 8.80 0.32
CA ASP B 177 13.77 8.80 1.78
C ASP B 177 15.00 9.56 2.28
N LEU B 178 15.79 10.19 1.40
CA LEU B 178 16.84 11.08 1.85
C LEU B 178 17.08 12.16 0.80
N ARG B 179 17.63 13.29 1.26
CA ARG B 179 17.84 14.45 0.39
C ARG B 179 18.92 14.18 -0.66
N ASN B 180 20.02 13.52 -0.27
CA ASN B 180 21.14 13.29 -1.19
C ASN B 180 21.31 11.80 -1.53
N PRO B 181 20.41 11.20 -2.31
CA PRO B 181 20.59 9.77 -2.61
C PRO B 181 21.87 9.51 -3.38
N LYS B 182 22.23 10.36 -4.35
CA LYS B 182 23.42 10.10 -5.20
C LYS B 182 24.68 10.13 -4.34
N GLY B 183 24.84 11.16 -3.53
CA GLY B 183 26.06 11.28 -2.75
C GLY B 183 26.24 10.21 -1.68
N ASN B 184 25.15 9.57 -1.26
CA ASN B 184 25.21 8.62 -0.15
C ASN B 184 25.10 7.16 -0.59
N LYS B 185 25.20 6.88 -1.89
CA LYS B 185 25.06 5.51 -2.39
C LYS B 185 26.03 4.53 -1.72
N LYS B 186 27.14 5.00 -1.19
CA LYS B 186 28.13 4.14 -0.55
C LYS B 186 28.25 4.42 0.95
N ASN B 187 27.29 5.12 1.53
CA ASN B 187 27.40 5.51 2.93
C ASN B 187 26.47 4.68 3.80
N ALA B 188 26.86 4.49 5.05
CA ALA B 188 26.00 3.83 6.03
C ALA B 188 24.60 4.43 6.01
N GLY B 189 23.62 3.57 5.87
CA GLY B 189 22.23 3.98 5.86
C GLY B 189 21.60 3.99 4.49
N PHE B 190 22.43 3.96 3.44
CA PHE B 190 21.88 3.95 2.10
C PHE B 190 22.65 3.05 1.13
N THR B 191 23.44 2.08 1.63
CA THR B 191 24.05 1.10 0.73
C THR B 191 22.96 0.26 0.08
N PRO B 192 23.24 -0.32 -1.10
CA PRO B 192 22.21 -1.17 -1.72
C PRO B 192 21.86 -2.39 -0.88
N GLN B 193 22.79 -2.88 -0.09
CA GLN B 193 22.53 -4.05 0.75
C GLN B 193 21.56 -3.70 1.87
N GLU B 194 21.78 -2.57 2.53
CA GLU B 194 20.86 -2.13 3.56
C GLU B 194 19.47 -1.92 2.98
N ARG B 195 19.38 -1.23 1.84
CA ARG B 195 18.09 -0.99 1.21
C ARG B 195 17.44 -2.31 0.79
N GLN B 196 18.24 -3.23 0.24
CA GLN B 196 17.73 -4.56 -0.09
C GLN B 196 17.21 -5.28 1.14
N GLY B 197 18.02 -5.28 2.21
CA GLY B 197 17.56 -5.85 3.47
C GLY B 197 16.22 -5.29 3.89
N PHE B 198 16.07 -3.97 3.85
CA PHE B 198 14.79 -3.38 4.23
C PHE B 198 13.67 -3.87 3.33
N GLY B 199 13.91 -3.88 2.01
CA GLY B 199 12.88 -4.38 1.11
C GLY B 199 12.51 -5.83 1.39
N GLU B 200 13.52 -6.65 1.69
CA GLU B 200 13.26 -8.03 2.11
C GLU B 200 12.31 -8.07 3.30
N LEU B 201 12.62 -7.28 4.33
CA LEU B 201 11.78 -7.21 5.52
C LEU B 201 10.34 -6.93 5.17
N LEU B 202 10.11 -5.97 4.26
CA LEU B 202 8.74 -5.65 3.89
C LEU B 202 8.03 -6.84 3.24
N GLN B 203 8.74 -7.59 2.39
CA GLN B 203 8.09 -8.66 1.62
C GLN B 203 8.08 -9.99 2.34
N ALA B 204 9.11 -10.29 3.14
CA ALA B 204 9.22 -11.62 3.75
C ALA B 204 8.29 -11.80 4.95
N VAL B 205 8.09 -10.77 5.77
CA VAL B 205 7.41 -10.94 7.05
C VAL B 205 5.94 -11.26 6.85
N PRO B 206 5.17 -10.47 6.09
CA PRO B 206 5.50 -9.19 5.47
C PRO B 206 5.06 -8.01 6.34
N LEU B 207 5.58 -6.82 6.03
CA LEU B 207 5.22 -5.60 6.73
C LEU B 207 5.04 -4.48 5.73
N ALA B 208 4.17 -3.54 6.08
CA ALA B 208 3.97 -2.30 5.34
C ALA B 208 4.63 -1.14 6.07
N ASP B 209 5.30 -0.28 5.30
CA ASP B 209 5.84 1.00 5.76
C ASP B 209 4.67 1.96 5.96
N SER B 210 4.26 2.15 7.22
CA SER B 210 3.05 2.92 7.51
C SER B 210 3.05 4.28 6.80
N PHE B 211 4.14 5.05 6.94
CA PHE B 211 4.16 6.40 6.37
C PHE B 211 4.09 6.35 4.84
N ARG B 212 4.92 5.51 4.23
CA ARG B 212 4.99 5.49 2.77
C ARG B 212 3.73 4.89 2.18
N HIS B 213 3.06 4.02 2.93
CA HIS B 213 1.78 3.49 2.48
C HIS B 213 0.73 4.59 2.39
N LEU B 214 0.72 5.51 3.37
CA LEU B 214 -0.27 6.58 3.36
C LEU B 214 0.13 7.72 2.43
N TYR B 215 1.42 7.93 2.22
CA TYR B 215 1.92 9.09 1.50
C TYR B 215 2.99 8.64 0.52
N PRO B 216 2.62 7.83 -0.47
CA PRO B 216 3.64 7.26 -1.37
C PRO B 216 4.35 8.29 -2.21
N ASN B 217 3.78 9.48 -2.34
CA ASN B 217 4.28 10.52 -3.25
C ASN B 217 4.90 11.71 -2.55
N THR B 218 4.97 11.70 -1.21
CA THR B 218 5.42 12.88 -0.48
C THR B 218 6.93 12.88 -0.34
N PRO B 219 7.67 13.82 -0.99
CA PRO B 219 9.12 13.85 -0.84
C PRO B 219 9.55 14.69 0.35
N TYR B 220 10.85 14.73 0.64
CA TYR B 220 11.43 15.68 1.60
C TYR B 220 10.95 15.47 3.03
N ALA B 221 10.41 14.29 3.32
CA ALA B 221 9.91 13.95 4.65
C ALA B 221 10.96 13.11 5.36
N TYR B 222 11.65 13.72 6.34
CA TYR B 222 12.80 13.09 6.98
C TYR B 222 12.61 13.05 8.50
N THR B 223 13.32 12.12 9.15
CA THR B 223 13.27 12.02 10.60
C THR B 223 14.64 12.20 11.24
N PHE B 224 15.68 12.42 10.43
CA PHE B 224 17.04 12.58 10.93
C PHE B 224 17.75 13.61 10.06
N TRP B 225 18.48 14.52 10.70
CA TRP B 225 19.41 15.41 10.01
C TRP B 225 20.68 15.48 10.84
N THR B 226 21.82 15.29 10.19
CA THR B 226 23.08 15.41 10.90
C THR B 226 23.20 16.80 11.54
N TYR B 227 23.83 16.83 12.71
CA TYR B 227 24.14 18.13 13.29
C TYR B 227 25.20 18.94 12.47
N MET B 228 26.02 18.21 11.74
CA MET B 228 27.09 18.81 10.93
C MET B 228 26.48 19.79 9.92
N MET B 229 27.03 20.99 9.85
CA MET B 229 26.60 22.00 8.85
C MET B 229 25.12 22.35 9.01
N ASN B 230 24.57 22.12 10.19
CA ASN B 230 23.17 22.48 10.48
C ASN B 230 22.24 21.98 9.39
N ALA B 231 22.39 20.69 9.06
CA ALA B 231 21.61 20.12 7.97
C ALA B 231 20.12 20.31 8.17
N ARG B 232 19.66 20.30 9.42
CA ARG B 232 18.23 20.37 9.70
C ARG B 232 17.66 21.70 9.23
N SER B 233 18.36 22.80 9.50
CA SER B 233 17.90 24.10 9.01
C SER B 233 17.73 24.12 7.49
N LYS B 234 18.47 23.27 6.78
CA LYS B 234 18.41 23.20 5.33
C LYS B 234 17.51 22.09 4.84
N ASN B 235 16.88 21.33 5.75
CA ASN B 235 16.15 20.10 5.46
C ASN B 235 16.94 19.17 4.53
N VAL B 236 18.20 18.96 4.87
CA VAL B 236 19.01 17.92 4.24
C VAL B 236 19.00 16.75 5.23
N GLY B 237 18.08 15.79 5.03
CA GLY B 237 17.86 14.76 6.04
C GLY B 237 17.59 13.39 5.46
N TRP B 238 17.33 12.45 6.38
CA TRP B 238 17.05 11.06 6.05
C TRP B 238 15.82 10.59 6.82
N ARG B 239 15.01 9.74 6.20
CA ARG B 239 13.94 9.08 6.93
C ARG B 239 14.48 7.75 7.42
N LEU B 240 14.86 7.72 8.70
CA LEU B 240 15.41 6.53 9.33
C LEU B 240 14.45 5.88 10.31
N ASP B 241 13.36 6.55 10.69
CA ASP B 241 12.48 6.10 11.75
C ASP B 241 11.12 5.77 11.15
N TYR B 242 10.59 4.61 11.51
CA TYR B 242 9.46 4.00 10.82
C TYR B 242 8.50 3.39 11.81
N PHE B 243 7.25 3.23 11.38
CA PHE B 243 6.33 2.24 11.95
C PHE B 243 6.03 1.25 10.83
N LEU B 244 6.45 0.00 10.98
CA LEU B 244 6.11 -1.06 10.04
C LEU B 244 5.02 -1.93 10.66
N LEU B 245 4.01 -2.29 9.85
CA LEU B 245 2.81 -2.98 10.32
C LEU B 245 2.58 -4.27 9.55
N SER B 246 2.04 -5.28 10.26
CA SER B 246 1.45 -6.45 9.60
C SER B 246 0.32 -5.98 8.68
N HIS B 247 0.22 -6.60 7.49
CA HIS B 247 -0.85 -6.22 6.57
C HIS B 247 -2.20 -6.32 7.27
N SER B 248 -2.34 -7.33 8.11
CA SER B 248 -3.39 -7.47 9.11
C SER B 248 -3.87 -6.14 9.68
N LEU B 249 -2.94 -5.22 9.96
CA LEU B 249 -3.30 -4.00 10.67
C LEU B 249 -3.60 -2.82 9.75
N LEU B 250 -3.33 -2.95 8.46
CA LEU B 250 -3.62 -1.86 7.54
C LEU B 250 -5.05 -1.34 7.63
N PRO B 251 -6.07 -2.19 7.80
CA PRO B 251 -7.42 -1.65 8.04
C PRO B 251 -7.53 -0.81 9.30
N ALA B 252 -6.60 -0.94 10.25
CA ALA B 252 -6.61 -0.15 11.47
C ALA B 252 -5.80 1.14 11.37
N LEU B 253 -5.01 1.31 10.31
CA LEU B 253 -4.09 2.44 10.21
C LEU B 253 -4.86 3.74 9.99
N CYS B 254 -4.78 4.66 10.96
CA CYS B 254 -5.33 5.99 10.74
C CYS B 254 -4.31 6.99 10.20
N ASP B 255 -3.10 7.01 10.76
CA ASP B 255 -2.12 7.99 10.29
C ASP B 255 -0.77 7.62 10.87
N SER B 256 0.26 8.05 10.16
CA SER B 256 1.65 7.90 10.57
C SER B 256 2.28 9.27 10.39
N LYS B 257 2.70 9.89 11.49
CA LYS B 257 3.13 11.29 11.49
C LYS B 257 4.64 11.41 11.60
N ILE B 258 5.17 12.52 11.07
CA ILE B 258 6.58 12.88 11.21
C ILE B 258 6.61 14.25 11.87
N ARG B 259 6.97 14.30 13.15
CA ARG B 259 6.84 15.52 13.93
C ARG B 259 8.07 16.41 13.70
N SER B 260 8.12 16.95 12.46
CA SER B 260 9.33 17.61 11.94
C SER B 260 9.82 18.74 12.83
N LYS B 261 8.94 19.38 13.60
CA LYS B 261 9.33 20.59 14.31
C LYS B 261 9.69 20.35 15.77
N ALA B 262 9.51 19.13 16.27
CA ALA B 262 9.86 18.84 17.65
C ALA B 262 11.37 18.75 17.78
N LEU B 263 11.94 19.58 18.65
CA LEU B 263 13.38 19.68 18.81
C LEU B 263 13.83 18.77 19.95
N GLY B 264 15.16 18.65 20.10
CA GLY B 264 15.70 17.94 21.26
C GLY B 264 16.68 16.82 20.95
N SER B 265 16.86 16.52 19.66
CA SER B 265 17.72 15.43 19.21
C SER B 265 18.04 15.71 17.75
N ASP B 266 18.92 14.89 17.16
CA ASP B 266 19.11 14.98 15.73
C ASP B 266 18.12 14.12 14.95
N HIS B 267 17.28 13.33 15.64
CA HIS B 267 16.07 12.79 15.06
C HIS B 267 14.85 13.56 15.59
N CYS B 268 13.79 13.55 14.82
CA CYS B 268 12.52 14.04 15.34
C CYS B 268 11.58 12.88 15.64
N PRO B 269 10.56 13.10 16.46
CA PRO B 269 9.62 12.01 16.80
C PRO B 269 8.75 11.63 15.60
N ILE B 270 8.25 10.40 15.65
CA ILE B 270 7.23 9.93 14.71
C ILE B 270 6.10 9.36 15.55
N THR B 271 4.88 9.46 15.04
CA THR B 271 3.73 9.09 15.86
C THR B 271 2.72 8.31 15.02
N LEU B 272 2.18 7.25 15.61
CA LEU B 272 1.28 6.33 14.92
C LEU B 272 -0.10 6.34 15.58
N TYR B 273 -1.14 6.38 14.74
CA TYR B 273 -2.53 6.34 15.18
C TYR B 273 -3.17 5.07 14.64
N LEU B 274 -3.68 4.24 15.55
CA LEU B 274 -4.32 2.98 15.18
C LEU B 274 -5.72 2.93 15.77
N ALA B 275 -6.66 2.38 15.00
CA ALA B 275 -8.01 2.11 15.49
C ALA B 275 -8.09 0.64 15.89
N LEU B 276 -8.11 0.39 17.19
CA LEU B 276 -8.13 -0.98 17.71
C LEU B 276 -9.32 -1.23 18.64
#